data_4Z8V
#
_entry.id   4Z8V
#
_cell.length_a   75.299
_cell.length_b   88.390
_cell.length_c   152.532
_cell.angle_alpha   90.00
_cell.angle_beta   90.00
_cell.angle_gamma   90.00
#
_symmetry.space_group_name_H-M   'C 2 2 21'
#
loop_
_entity.id
_entity.type
_entity.pdbx_description
1 polymer AvrRxo1-ORF1
2 polymer AvrRxo1-ORF2
3 non-polymer 'PHOSPHATE ION'
4 water water
#
loop_
_entity_poly.entity_id
_entity_poly.type
_entity_poly.pdbx_seq_one_letter_code
_entity_poly.pdbx_strand_id
1 'polypeptide(L)'
;ATQRKGTDEIYGLGSLPSAGPGRWEYLANPGNWHPERRKLHEKLLDQARSSALTLAESLESDGCQPTLFALRGNTATGKT
RIATKKIPVLAAALKKTAGKGCVNPDVFKSSLAKSETGAKIFSSAQVHSESSFLADRFEGGLRSQKTGSGAIASIVVDKR
LSREYEIDSYIQLAKETGRKVELCDIDAPLENSLVGVLQRKPEGEDPRPPYPVVSSGFVAVRSNRMYVIDRFIADPSLGN
YRLFGTAEDGEKVMVASVIGGEFSVENAELYEKITSPQLSVTGDLADKVIDKELIDRLENNIADPERAAKTRAALEKYSG
KSWSAALAAHSELI
;
A
2 'polypeptide(L)'
;MKTLTGADALEFHKKLKERNKALHASDLELALVHADAVGKERFDLEELEKICDTSDAGRLTDAKERNDIYERMYYVEYPN
VMTLKEFAHIVETLFSWS
;
B
#
loop_
_chem_comp.id
_chem_comp.type
_chem_comp.name
_chem_comp.formula
PO4 non-polymer 'PHOSPHATE ION' 'O4 P -3'
#
# COMPACT_ATOMS: atom_id res chain seq x y z
N ALA A 1 5.32 9.11 24.64
CA ALA A 1 5.82 10.08 25.63
C ALA A 1 4.73 11.10 26.03
N THR A 2 5.18 12.27 26.52
CA THR A 2 4.30 13.34 27.06
C THR A 2 2.98 13.53 26.30
N GLN A 3 3.04 13.34 25.00
CA GLN A 3 1.89 13.29 24.14
C GLN A 3 2.33 12.34 23.03
N ARG A 4 1.49 12.16 22.01
CA ARG A 4 1.90 11.40 20.84
C ARG A 4 2.92 12.16 19.98
N LYS A 5 4.12 12.43 20.53
CA LYS A 5 5.26 12.86 19.72
C LYS A 5 5.77 11.64 18.97
N GLY A 6 6.36 11.87 17.80
CA GLY A 6 6.98 10.80 17.04
C GLY A 6 8.34 10.43 17.61
N THR A 7 8.81 9.23 17.29
CA THR A 7 10.09 8.74 17.79
C THR A 7 11.25 9.49 17.17
N ASP A 8 10.99 10.13 16.03
CA ASP A 8 12.01 10.98 15.40
C ASP A 8 12.20 12.32 16.12
N GLU A 9 11.15 12.79 16.80
CA GLU A 9 11.29 13.97 17.66
C GLU A 9 11.95 13.57 18.98
N ILE A 10 11.50 12.45 19.52
CA ILE A 10 11.93 11.94 20.83
C ILE A 10 13.39 11.50 20.86
N TYR A 11 13.78 10.73 19.86
CA TYR A 11 15.12 10.19 19.79
C TYR A 11 16.01 11.00 18.85
N GLY A 12 15.43 11.98 18.18
CA GLY A 12 16.22 12.86 17.34
C GLY A 12 16.87 13.95 18.18
N LEU A 13 18.12 14.27 17.86
CA LEU A 13 18.87 15.29 18.58
C LEU A 13 18.65 16.68 18.00
N GLY A 14 18.21 17.61 18.83
CA GLY A 14 18.00 18.98 18.41
C GLY A 14 16.64 19.20 17.79
N SER A 15 16.47 20.33 17.13
CA SER A 15 15.20 20.67 16.52
C SER A 15 14.94 19.77 15.32
N LEU A 16 13.67 19.54 15.04
CA LEU A 16 13.25 18.74 13.89
C LEU A 16 12.94 19.63 12.70
N PRO A 17 13.77 19.54 11.63
CA PRO A 17 13.52 20.28 10.40
C PRO A 17 12.19 19.89 9.78
N SER A 18 11.46 20.89 9.28
CA SER A 18 10.05 20.71 8.91
C SER A 18 9.78 19.83 7.70
N ALA A 19 10.67 19.86 6.71
CA ALA A 19 10.35 19.22 5.43
C ALA A 19 11.49 18.43 4.81
N GLY A 20 11.35 17.11 4.79
CA GLY A 20 12.21 16.25 3.99
C GLY A 20 12.06 16.73 2.56
N PRO A 21 13.16 16.83 1.81
CA PRO A 21 14.55 16.41 2.08
C PRO A 21 15.37 17.22 3.11
N GLY A 22 14.76 18.10 3.88
CA GLY A 22 15.45 18.76 4.98
C GLY A 22 15.34 17.94 6.25
N ARG A 23 14.18 17.34 6.45
CA ARG A 23 13.96 16.40 7.54
C ARG A 23 14.57 15.06 7.14
N TRP A 24 14.52 14.76 5.85
CA TRP A 24 15.08 13.51 5.34
C TRP A 24 16.58 13.40 5.59
N GLU A 25 17.32 14.42 5.15
CA GLU A 25 18.78 14.42 5.29
C GLU A 25 19.19 14.54 6.75
N TYR A 26 18.34 15.15 7.56
CA TYR A 26 18.53 15.19 8.99
C TYR A 26 18.36 13.79 9.58
N LEU A 27 17.31 13.08 9.14
CA LEU A 27 17.07 11.70 9.59
C LEU A 27 18.19 10.76 9.11
N ALA A 28 18.74 11.03 7.94
CA ALA A 28 19.75 10.17 7.34
C ALA A 28 21.11 10.27 8.04
N ASN A 29 21.23 11.23 8.95
CA ASN A 29 22.49 11.45 9.64
C ASN A 29 22.48 10.86 11.06
N PRO A 30 23.25 9.79 11.27
CA PRO A 30 23.30 9.05 12.55
C PRO A 30 23.60 9.95 13.75
N GLY A 31 24.47 10.93 13.57
CA GLY A 31 24.77 11.88 14.63
C GLY A 31 23.54 12.65 15.11
N ASN A 32 22.53 12.76 14.24
CA ASN A 32 21.27 13.37 14.64
C ASN A 32 20.42 12.47 15.56
N TRP A 33 20.89 11.25 15.81
CA TRP A 33 20.18 10.32 16.69
C TRP A 33 20.92 10.07 18.00
N HIS A 34 20.17 9.85 19.07
CA HIS A 34 20.70 9.30 20.31
C HIS A 34 21.39 7.97 20.02
N PRO A 35 22.54 7.73 20.68
CA PRO A 35 23.37 6.53 20.43
C PRO A 35 22.62 5.21 20.67
N GLU A 36 21.77 5.15 21.69
CA GLU A 36 20.94 3.97 21.90
C GLU A 36 20.05 3.68 20.68
N ARG A 37 19.42 4.73 20.15
CA ARG A 37 18.52 4.58 19.01
C ARG A 37 19.29 4.24 17.73
N ARG A 38 20.40 4.94 17.52
CA ARG A 38 21.30 4.63 16.41
C ARG A 38 21.77 3.16 16.46
N LYS A 39 22.03 2.67 17.66
CA LYS A 39 22.41 1.27 17.86
C LYS A 39 21.24 0.34 17.54
N LEU A 40 20.03 0.75 17.94
CA LEU A 40 18.81 0.02 17.58
C LEU A 40 18.62 -0.05 16.05
N HIS A 41 18.88 1.06 15.37
CA HIS A 41 18.75 1.14 13.92
C HIS A 41 19.67 0.13 13.23
N GLU A 42 20.92 0.10 13.67
CA GLU A 42 21.93 -0.82 13.12
C GLU A 42 21.53 -2.26 13.34
N LYS A 43 21.04 -2.58 14.52
CA LYS A 43 20.64 -3.95 14.83
C LYS A 43 19.48 -4.42 13.92
N LEU A 44 18.49 -3.56 13.71
CA LEU A 44 17.33 -3.91 12.87
C LEU A 44 17.68 -4.01 11.38
N LEU A 45 18.58 -3.15 10.90
CA LEU A 45 19.02 -3.26 9.51
C LEU A 45 19.79 -4.58 9.32
N ASP A 46 20.64 -4.94 10.28
CA ASP A 46 21.36 -6.21 10.20
C ASP A 46 20.42 -7.43 10.22
N GLN A 47 19.41 -7.42 11.09
CA GLN A 47 18.41 -8.48 11.06
C GLN A 47 17.70 -8.55 9.70
N ALA A 48 17.22 -7.39 9.24
CA ALA A 48 16.49 -7.33 7.98
C ALA A 48 17.34 -7.79 6.78
N ARG A 49 18.57 -7.28 6.70
CA ARG A 49 19.49 -7.61 5.60
C ARG A 49 19.84 -9.09 5.61
N SER A 50 20.00 -9.66 6.80
CA SER A 50 20.28 -11.09 6.94
C SER A 50 19.10 -11.91 6.38
N SER A 51 17.88 -11.51 6.73
CA SER A 51 16.68 -12.14 6.17
C SER A 51 16.57 -12.01 4.65
N ALA A 52 16.75 -10.80 4.13
CA ALA A 52 16.68 -10.57 2.68
C ALA A 52 17.71 -11.41 1.94
N LEU A 53 18.92 -11.51 2.52
CA LEU A 53 19.99 -12.22 1.85
C LEU A 53 19.64 -13.70 1.79
N THR A 54 19.00 -14.19 2.85
CA THR A 54 18.51 -15.55 2.87
C THR A 54 17.49 -15.77 1.75
N LEU A 55 16.54 -14.86 1.61
CA LEU A 55 15.57 -14.94 0.51
C LEU A 55 16.32 -14.99 -0.83
N ALA A 56 17.22 -14.03 -1.03
CA ALA A 56 17.98 -13.95 -2.28
C ALA A 56 18.72 -15.25 -2.62
N GLU A 57 19.35 -15.88 -1.62
CA GLU A 57 20.10 -17.13 -1.84
C GLU A 57 19.19 -18.29 -2.20
N SER A 58 18.06 -18.38 -1.50
CA SER A 58 17.06 -19.42 -1.80
C SER A 58 16.55 -19.23 -3.22
N LEU A 59 16.20 -17.99 -3.58
CA LEU A 59 15.65 -17.70 -4.89
C LEU A 59 16.67 -18.05 -5.98
N GLU A 60 17.92 -17.64 -5.80
CA GLU A 60 18.93 -17.91 -6.81
C GLU A 60 19.22 -19.42 -6.94
N SER A 61 19.23 -20.10 -5.80
CA SER A 61 19.47 -21.54 -5.81
C SER A 61 18.35 -22.29 -6.52
N ASP A 62 17.15 -21.71 -6.53
CA ASP A 62 16.03 -22.34 -7.22
C ASP A 62 15.95 -21.86 -8.67
N GLY A 63 17.06 -21.33 -9.17
CA GLY A 63 17.19 -21.00 -10.58
C GLY A 63 16.50 -19.71 -10.98
N CYS A 64 16.22 -18.86 -9.99
CA CYS A 64 15.55 -17.61 -10.28
C CYS A 64 16.58 -16.51 -10.60
N GLN A 65 16.43 -15.87 -11.75
CA GLN A 65 17.37 -14.80 -12.12
C GLN A 65 17.05 -13.54 -11.30
N PRO A 66 17.99 -12.56 -11.23
CA PRO A 66 17.73 -11.40 -10.39
C PRO A 66 16.36 -10.80 -10.69
N THR A 67 15.55 -10.67 -9.65
CA THR A 67 14.14 -10.32 -9.80
C THR A 67 13.67 -9.38 -8.69
N LEU A 68 12.86 -8.39 -9.07
CA LEU A 68 12.12 -7.63 -8.09
C LEU A 68 10.71 -8.22 -8.06
N PHE A 69 10.40 -8.98 -7.01
CA PHE A 69 9.04 -9.47 -6.81
C PHE A 69 8.22 -8.36 -6.18
N ALA A 70 7.19 -7.91 -6.89
CA ALA A 70 6.39 -6.80 -6.39
C ALA A 70 5.00 -7.31 -6.12
N LEU A 71 4.50 -7.07 -4.90
CA LEU A 71 3.14 -7.44 -4.53
C LEU A 71 2.31 -6.18 -4.36
N ARG A 72 1.64 -5.78 -5.45
CA ARG A 72 0.80 -4.60 -5.46
C ARG A 72 -0.59 -4.93 -4.92
N GLY A 73 -1.19 -3.99 -4.22
CA GLY A 73 -2.56 -4.16 -3.77
C GLY A 73 -2.85 -3.38 -2.49
N ASN A 74 -4.10 -2.98 -2.30
CA ASN A 74 -4.49 -2.26 -1.10
C ASN A 74 -4.30 -3.14 0.14
N THR A 75 -4.31 -2.48 1.29
CA THR A 75 -4.22 -3.12 2.59
C THR A 75 -5.22 -4.30 2.75
N ALA A 76 -4.74 -5.41 3.33
CA ALA A 76 -5.61 -6.54 3.68
C ALA A 76 -6.46 -7.05 2.52
N THR A 77 -5.85 -7.16 1.35
CA THR A 77 -6.52 -7.72 0.20
C THR A 77 -6.27 -9.23 0.05
N GLY A 78 -5.35 -9.79 0.82
CA GLY A 78 -5.06 -11.21 0.73
C GLY A 78 -3.77 -11.48 -0.05
N LYS A 79 -2.79 -10.60 0.13
CA LYS A 79 -1.55 -10.66 -0.64
C LYS A 79 -0.64 -11.81 -0.23
N THR A 80 -0.59 -12.08 1.07
CA THR A 80 0.21 -13.18 1.62
C THR A 80 -0.23 -14.55 1.06
N ARG A 81 -1.53 -14.79 1.08
CA ARG A 81 -2.09 -16.01 0.50
C ARG A 81 -1.73 -16.15 -0.97
N ILE A 82 -1.90 -15.07 -1.74
CA ILE A 82 -1.60 -15.12 -3.18
C ILE A 82 -0.12 -15.43 -3.43
N ALA A 83 0.74 -14.77 -2.68
CA ALA A 83 2.19 -14.99 -2.79
C ALA A 83 2.52 -16.44 -2.47
N THR A 84 2.00 -16.90 -1.36
CA THR A 84 2.22 -18.26 -0.92
C THR A 84 1.77 -19.28 -1.97
N LYS A 85 0.63 -19.02 -2.62
CA LYS A 85 0.09 -19.99 -3.55
C LYS A 85 0.52 -19.75 -5.00
N LYS A 86 0.63 -18.48 -5.41
CA LYS A 86 0.79 -18.22 -6.83
C LYS A 86 2.21 -17.85 -7.27
N ILE A 87 3.13 -17.76 -6.32
CA ILE A 87 4.54 -17.56 -6.63
C ILE A 87 5.38 -18.60 -5.89
N PRO A 88 5.34 -19.85 -6.36
CA PRO A 88 5.89 -20.95 -5.54
C PRO A 88 7.39 -20.80 -5.26
N VAL A 89 8.14 -20.16 -6.16
CA VAL A 89 9.56 -20.00 -5.88
C VAL A 89 9.76 -19.04 -4.69
N LEU A 90 8.89 -18.04 -4.57
CA LEU A 90 8.97 -17.08 -3.48
C LEU A 90 8.45 -17.72 -2.19
N ALA A 91 7.39 -18.49 -2.32
CA ALA A 91 6.80 -19.19 -1.17
C ALA A 91 7.87 -20.09 -0.53
N ALA A 92 8.71 -20.72 -1.35
CA ALA A 92 9.76 -21.60 -0.81
C ALA A 92 10.83 -20.81 -0.10
N ALA A 93 11.10 -19.60 -0.60
CA ALA A 93 12.10 -18.77 0.06
C ALA A 93 11.56 -18.15 1.35
N LEU A 94 10.33 -17.65 1.30
CA LEU A 94 9.72 -16.99 2.46
C LEU A 94 9.55 -17.93 3.63
N LYS A 95 9.51 -19.23 3.36
CA LYS A 95 9.29 -20.22 4.39
C LYS A 95 10.56 -20.35 5.24
N LYS A 96 11.70 -20.06 4.63
CA LYS A 96 12.98 -20.13 5.32
C LYS A 96 13.25 -18.92 6.21
N THR A 97 12.40 -17.90 6.12
CA THR A 97 12.58 -16.70 6.93
C THR A 97 11.31 -16.35 7.71
N ALA A 98 10.34 -17.24 7.65
CA ALA A 98 9.02 -16.99 8.25
C ALA A 98 8.42 -15.65 7.77
N GLY A 99 8.65 -15.33 6.49
CA GLY A 99 8.00 -14.18 5.88
C GLY A 99 8.80 -12.89 6.02
N LYS A 100 9.96 -12.98 6.66
CA LYS A 100 10.81 -11.80 6.88
C LYS A 100 11.73 -11.53 5.69
N GLY A 101 12.26 -10.31 5.61
CA GLY A 101 13.22 -9.99 4.58
C GLY A 101 12.65 -9.12 3.47
N CYS A 102 11.33 -8.93 3.47
CA CYS A 102 10.67 -8.11 2.45
C CYS A 102 10.84 -6.63 2.70
N VAL A 103 10.84 -5.85 1.61
CA VAL A 103 10.87 -4.39 1.69
C VAL A 103 9.46 -3.85 1.89
N ASN A 104 9.25 -3.24 3.04
CA ASN A 104 7.93 -2.86 3.51
C ASN A 104 8.15 -1.80 4.59
N PRO A 105 7.58 -0.61 4.39
CA PRO A 105 7.73 0.49 5.36
C PRO A 105 7.21 0.15 6.77
N ASP A 106 6.51 -0.98 6.94
CA ASP A 106 5.99 -1.39 8.24
C ASP A 106 6.83 -2.46 8.90
N VAL A 107 7.95 -2.83 8.29
CA VAL A 107 8.67 -4.02 8.73
C VAL A 107 9.33 -3.80 10.09
N PHE A 108 9.68 -2.54 10.36
CA PHE A 108 10.45 -2.19 11.54
C PHE A 108 9.55 -1.71 12.68
N LYS A 109 8.28 -1.48 12.36
CA LYS A 109 7.33 -0.82 13.27
C LYS A 109 7.20 -1.45 14.65
N SER A 110 7.06 -2.77 14.71
CA SER A 110 6.87 -3.45 15.98
C SER A 110 8.11 -3.31 16.85
N SER A 111 9.27 -3.53 16.24
CA SER A 111 10.55 -3.46 16.95
C SER A 111 10.77 -2.06 17.49
N LEU A 112 10.49 -1.05 16.68
CA LEU A 112 10.66 0.34 17.07
C LEU A 112 9.65 0.73 18.14
N ALA A 113 8.44 0.16 18.07
CA ALA A 113 7.35 0.53 18.99
C ALA A 113 7.58 -0.09 20.36
N LYS A 114 8.38 -1.16 20.40
CA LYS A 114 8.71 -1.81 21.67
C LYS A 114 10.06 -1.33 22.21
N SER A 115 10.90 -0.79 21.32
CA SER A 115 12.19 -0.22 21.68
C SER A 115 13.05 -1.13 22.57
N GLU A 116 13.01 -2.44 22.29
CA GLU A 116 13.71 -3.43 23.10
C GLU A 116 13.29 -3.49 24.57
N THR A 117 12.16 -2.86 24.93
CA THR A 117 11.74 -2.87 26.34
C THR A 117 10.89 -4.09 26.72
N GLY A 118 10.39 -4.80 25.72
CA GLY A 118 9.59 -5.99 25.96
C GLY A 118 8.09 -5.80 25.82
N ALA A 119 7.66 -4.57 25.51
CA ALA A 119 6.25 -4.28 25.33
C ALA A 119 6.06 -3.11 24.38
N LYS A 120 4.95 -3.09 23.66
CA LYS A 120 4.63 -2.00 22.74
C LYS A 120 4.28 -0.73 23.51
N ILE A 121 5.08 0.32 23.36
CA ILE A 121 4.81 1.56 24.08
C ILE A 121 4.55 2.77 23.18
N PHE A 122 4.92 2.67 21.91
CA PHE A 122 4.64 3.74 20.95
C PHE A 122 3.54 3.27 19.99
N SER A 123 2.69 4.18 19.55
CA SER A 123 1.67 3.82 18.55
C SER A 123 2.32 3.71 17.18
N SER A 124 1.68 2.98 16.28
CA SER A 124 2.15 2.85 14.90
C SER A 124 2.48 4.21 14.30
N ALA A 125 1.63 5.20 14.55
CA ALA A 125 1.84 6.53 13.99
C ALA A 125 3.06 7.22 14.59
N GLN A 126 3.36 6.93 15.86
CA GLN A 126 4.53 7.49 16.51
C GLN A 126 5.82 6.98 15.87
N VAL A 127 5.84 5.69 15.51
CA VAL A 127 7.03 5.10 14.91
C VAL A 127 7.06 5.13 13.37
N HIS A 128 6.03 5.66 12.71
CA HIS A 128 5.94 5.50 11.26
C HIS A 128 7.07 6.19 10.51
N SER A 129 7.28 7.46 10.82
CA SER A 129 8.33 8.25 10.20
C SER A 129 9.71 7.58 10.36
N GLU A 130 10.00 7.10 11.57
CA GLU A 130 11.28 6.47 11.84
C GLU A 130 11.44 5.19 11.01
N SER A 131 10.37 4.40 10.93
CA SER A 131 10.45 3.10 10.25
C SER A 131 10.42 3.24 8.73
N SER A 132 9.82 4.34 8.26
CA SER A 132 9.86 4.66 6.84
C SER A 132 11.30 4.97 6.45
N PHE A 133 11.95 5.81 7.25
CA PHE A 133 13.34 6.13 7.03
C PHE A 133 14.25 4.88 7.10
N LEU A 134 13.95 3.94 7.99
CA LEU A 134 14.75 2.72 8.07
C LEU A 134 14.50 1.83 6.86
N ALA A 135 13.25 1.78 6.39
CA ALA A 135 12.92 0.97 5.23
C ALA A 135 13.62 1.47 3.98
N ASP A 136 13.67 2.79 3.82
CA ASP A 136 14.37 3.39 2.70
C ASP A 136 15.88 3.11 2.73
N ARG A 137 16.47 3.02 3.92
CA ARG A 137 17.90 2.71 4.00
C ARG A 137 18.13 1.24 3.73
N PHE A 138 17.20 0.44 4.24
CA PHE A 138 17.17 -1.00 3.97
C PHE A 138 17.11 -1.26 2.47
N GLU A 139 16.15 -0.64 1.80
CA GLU A 139 15.99 -0.76 0.36
C GLU A 139 17.20 -0.25 -0.41
N GLY A 140 17.75 0.89 0.03
CA GLY A 140 18.96 1.46 -0.55
C GLY A 140 20.14 0.50 -0.52
N GLY A 141 20.35 -0.18 0.60
CA GLY A 141 21.42 -1.17 0.70
C GLY A 141 21.17 -2.40 -0.15
N LEU A 142 19.91 -2.66 -0.48
CA LEU A 142 19.57 -3.83 -1.28
C LEU A 142 19.72 -3.62 -2.78
N ARG A 143 19.67 -2.37 -3.25
CA ARG A 143 19.55 -2.16 -4.69
C ARG A 143 20.74 -2.68 -5.50
N SER A 144 21.93 -2.60 -4.94
CA SER A 144 23.09 -3.18 -5.60
C SER A 144 23.68 -4.33 -4.79
N GLN A 145 22.87 -4.87 -3.89
CA GLN A 145 23.26 -6.02 -3.10
C GLN A 145 23.50 -7.24 -3.99
N LYS A 146 24.55 -8.01 -3.67
CA LYS A 146 24.94 -9.20 -4.40
C LYS A 146 24.86 -10.45 -3.54
N THR A 147 24.61 -11.58 -4.20
CA THR A 147 24.69 -12.89 -3.56
C THR A 147 26.13 -13.40 -3.66
N GLY A 148 26.37 -14.65 -3.26
CA GLY A 148 27.71 -15.22 -3.29
C GLY A 148 28.20 -15.65 -4.67
N SER A 149 27.34 -15.57 -5.67
CA SER A 149 27.73 -15.83 -7.05
C SER A 149 28.12 -14.52 -7.76
N GLY A 150 28.05 -13.40 -7.05
CA GLY A 150 28.24 -12.11 -7.68
C GLY A 150 27.01 -11.58 -8.41
N ALA A 151 25.94 -12.38 -8.42
CA ALA A 151 24.71 -11.94 -9.06
C ALA A 151 24.01 -10.92 -8.19
N ILE A 152 23.35 -9.96 -8.83
CA ILE A 152 22.46 -9.05 -8.13
C ILE A 152 21.41 -9.85 -7.35
N ALA A 153 21.11 -9.44 -6.13
CA ALA A 153 20.10 -10.11 -5.29
C ALA A 153 18.65 -9.82 -5.69
N SER A 154 17.86 -10.89 -5.82
CA SER A 154 16.42 -10.77 -5.91
C SER A 154 15.89 -10.10 -4.64
N ILE A 155 14.87 -9.26 -4.79
CA ILE A 155 14.25 -8.63 -3.62
C ILE A 155 12.74 -8.68 -3.72
N VAL A 156 12.08 -8.46 -2.57
CA VAL A 156 10.63 -8.55 -2.50
C VAL A 156 10.05 -7.25 -1.96
N VAL A 157 9.19 -6.61 -2.75
CA VAL A 157 8.58 -5.36 -2.32
C VAL A 157 7.08 -5.59 -2.23
N ASP A 158 6.56 -5.54 -1.01
CA ASP A 158 5.13 -5.68 -0.80
C ASP A 158 4.52 -4.40 -0.19
N LYS A 159 4.52 -3.34 -0.97
CA LYS A 159 3.87 -2.11 -0.57
C LYS A 159 2.56 -2.06 -1.34
N ARG A 160 1.73 -1.08 -1.01
CA ARG A 160 0.52 -0.87 -1.79
C ARG A 160 0.86 -0.59 -3.25
N LEU A 161 1.92 0.19 -3.49
CA LEU A 161 2.41 0.52 -4.82
C LEU A 161 1.29 1.12 -5.65
N SER A 162 0.49 1.96 -5.02
CA SER A 162 -0.74 2.42 -5.64
C SER A 162 -0.50 3.50 -6.69
N ARG A 163 0.55 4.31 -6.53
CA ARG A 163 0.71 5.48 -7.39
C ARG A 163 1.69 5.27 -8.55
N GLU A 164 1.47 6.00 -9.64
CA GLU A 164 2.34 5.94 -10.82
C GLU A 164 3.81 6.19 -10.52
N TYR A 165 4.09 7.22 -9.73
CA TYR A 165 5.47 7.55 -9.43
C TYR A 165 6.16 6.43 -8.68
N GLU A 166 5.39 5.69 -7.88
CA GLU A 166 5.92 4.52 -7.17
C GLU A 166 6.28 3.46 -8.20
N ILE A 167 5.31 3.13 -9.04
CA ILE A 167 5.49 2.16 -10.11
C ILE A 167 6.69 2.53 -11.01
N ASP A 168 6.72 3.76 -11.50
CA ASP A 168 7.85 4.21 -12.32
C ASP A 168 9.20 4.03 -11.62
N SER A 169 9.28 4.36 -10.35
CA SER A 169 10.54 4.28 -9.62
C SER A 169 11.04 2.84 -9.46
N TYR A 170 10.14 1.89 -9.22
CA TYR A 170 10.54 0.49 -9.07
C TYR A 170 10.93 -0.13 -10.41
N ILE A 171 10.24 0.28 -11.47
CA ILE A 171 10.65 -0.13 -12.81
C ILE A 171 12.06 0.40 -13.12
N GLN A 172 12.31 1.67 -12.84
CA GLN A 172 13.62 2.27 -13.08
C GLN A 172 14.68 1.53 -12.25
N LEU A 173 14.34 1.23 -11.00
CA LEU A 173 15.26 0.49 -10.13
C LEU A 173 15.61 -0.85 -10.77
N ALA A 174 14.58 -1.56 -11.23
CA ALA A 174 14.79 -2.87 -11.83
C ALA A 174 15.63 -2.76 -13.11
N LYS A 175 15.28 -1.80 -13.95
CA LYS A 175 16.01 -1.59 -15.20
C LYS A 175 17.49 -1.30 -14.96
N GLU A 176 17.78 -0.43 -13.98
CA GLU A 176 19.15 -0.01 -13.71
C GLU A 176 20.01 -1.10 -13.08
N THR A 177 19.38 -2.06 -12.38
CA THR A 177 20.14 -3.08 -11.64
C THR A 177 20.05 -4.44 -12.30
N GLY A 178 19.49 -4.48 -13.50
CA GLY A 178 19.35 -5.73 -14.24
C GLY A 178 18.35 -6.74 -13.69
N ARG A 179 17.36 -6.25 -12.95
CA ARG A 179 16.34 -7.16 -12.40
C ARG A 179 15.11 -7.27 -13.29
N LYS A 180 14.58 -8.49 -13.38
CA LYS A 180 13.24 -8.74 -13.90
C LYS A 180 12.22 -8.19 -12.90
N VAL A 181 11.02 -7.85 -13.34
CA VAL A 181 9.96 -7.43 -12.42
C VAL A 181 8.84 -8.47 -12.43
N GLU A 182 8.67 -9.19 -11.33
CA GLU A 182 7.55 -10.13 -11.25
C GLU A 182 6.51 -9.43 -10.41
N LEU A 183 5.39 -9.04 -11.02
CA LEU A 183 4.43 -8.24 -10.29
C LEU A 183 3.11 -8.99 -10.19
N CYS A 184 2.68 -9.23 -8.95
CA CYS A 184 1.33 -9.71 -8.70
C CYS A 184 0.50 -8.57 -8.11
N ASP A 185 -0.66 -8.34 -8.70
CA ASP A 185 -1.52 -7.23 -8.33
C ASP A 185 -2.79 -7.89 -7.80
N ILE A 186 -3.13 -7.55 -6.56
CA ILE A 186 -4.18 -8.26 -5.82
C ILE A 186 -5.28 -7.29 -5.41
N ASP A 187 -6.51 -7.60 -5.82
CA ASP A 187 -7.63 -6.74 -5.52
C ASP A 187 -8.66 -7.44 -4.65
N ALA A 188 -9.25 -6.68 -3.72
CA ALA A 188 -10.45 -7.08 -3.00
C ALA A 188 -11.36 -5.86 -2.94
N PRO A 189 -12.69 -6.08 -2.79
CA PRO A 189 -13.59 -4.93 -2.60
C PRO A 189 -13.21 -4.19 -1.33
N LEU A 190 -13.48 -2.89 -1.29
CA LEU A 190 -13.14 -2.07 -0.14
C LEU A 190 -13.61 -2.66 1.19
N GLU A 191 -14.85 -3.16 1.22
CA GLU A 191 -15.39 -3.73 2.45
C GLU A 191 -14.59 -4.93 2.94
N ASN A 192 -14.05 -5.70 2.02
CA ASN A 192 -13.16 -6.80 2.40
C ASN A 192 -11.89 -6.28 3.07
N SER A 193 -11.36 -5.17 2.58
CA SER A 193 -10.19 -4.56 3.22
C SER A 193 -10.54 -4.01 4.61
N LEU A 194 -11.73 -3.43 4.74
CA LEU A 194 -12.15 -2.90 6.04
C LEU A 194 -12.31 -4.05 7.06
N VAL A 195 -13.01 -5.12 6.66
CA VAL A 195 -13.21 -6.29 7.50
C VAL A 195 -11.86 -6.90 7.84
N GLY A 196 -10.99 -6.97 6.84
CA GLY A 196 -9.64 -7.49 7.02
C GLY A 196 -8.87 -6.74 8.09
N VAL A 197 -8.98 -5.42 8.08
CA VAL A 197 -8.29 -4.60 9.07
C VAL A 197 -8.87 -4.79 10.47
N LEU A 198 -10.19 -4.88 10.60
CA LEU A 198 -10.79 -5.07 11.92
C LEU A 198 -10.46 -6.45 12.53
N GLN A 199 -10.24 -7.46 11.69
CA GLN A 199 -9.77 -8.78 12.15
C GLN A 199 -8.33 -8.78 12.64
N ARG A 200 -7.55 -7.76 12.28
CA ARG A 200 -6.15 -7.71 12.71
C ARG A 200 -6.03 -7.30 14.18
N LYS A 201 -5.37 -8.14 14.98
CA LYS A 201 -5.25 -7.91 16.42
C LYS A 201 -3.99 -7.13 16.75
N PRO A 202 -4.09 -6.21 17.73
CA PRO A 202 -3.01 -5.31 18.15
C PRO A 202 -1.76 -6.07 18.59
N GLU A 203 -1.96 -7.23 19.17
CA GLU A 203 -0.87 -8.06 19.55
C GLU A 203 -0.32 -8.81 18.35
N GLY A 204 -0.58 -8.35 17.15
CA GLY A 204 -0.24 -9.13 16.01
C GLY A 204 0.76 -8.57 15.05
N GLU A 205 1.05 -7.31 15.10
CA GLU A 205 2.03 -6.83 14.16
C GLU A 205 1.63 -6.35 12.76
N ASP A 206 0.54 -6.86 12.23
CA ASP A 206 0.00 -6.31 10.99
C ASP A 206 -0.67 -5.00 11.31
N PRO A 207 -0.46 -4.01 10.47
CA PRO A 207 -0.95 -2.68 10.72
C PRO A 207 -2.46 -2.50 10.72
N ARG A 208 -2.92 -1.56 11.52
CA ARG A 208 -4.31 -1.28 11.69
C ARG A 208 -4.63 0.16 11.37
N PRO A 209 -4.68 0.49 10.11
CA PRO A 209 -4.88 1.90 9.75
C PRO A 209 -6.34 2.33 9.85
N PRO A 210 -6.58 3.64 9.99
CA PRO A 210 -7.97 4.12 10.06
C PRO A 210 -8.61 4.16 8.67
N TYR A 211 -9.89 4.45 8.60
CA TYR A 211 -10.63 4.38 7.33
C TYR A 211 -10.02 5.13 6.11
N PRO A 212 -9.64 6.43 6.28
CA PRO A 212 -9.21 7.16 5.08
C PRO A 212 -7.97 6.56 4.42
N VAL A 213 -7.12 5.90 5.21
CA VAL A 213 -5.97 5.21 4.64
C VAL A 213 -6.42 4.07 3.72
N VAL A 214 -7.38 3.28 4.19
CA VAL A 214 -7.82 2.11 3.44
C VAL A 214 -8.60 2.53 2.20
N SER A 215 -9.44 3.55 2.37
CA SER A 215 -10.30 4.02 1.28
C SER A 215 -9.52 4.73 0.17
N SER A 216 -8.62 5.61 0.57
CA SER A 216 -7.79 6.32 -0.37
C SER A 216 -6.81 5.39 -1.04
N GLY A 217 -6.35 4.38 -0.31
CA GLY A 217 -5.50 3.36 -0.91
C GLY A 217 -6.24 2.61 -2.00
N PHE A 218 -7.48 2.21 -1.69
CA PHE A 218 -8.39 1.54 -2.64
C PHE A 218 -8.62 2.35 -3.92
N VAL A 219 -8.96 3.63 -3.78
CA VAL A 219 -9.20 4.47 -4.95
C VAL A 219 -7.97 4.55 -5.84
N ALA A 220 -6.81 4.74 -5.23
CA ALA A 220 -5.58 4.96 -5.97
C ALA A 220 -5.14 3.68 -6.66
N VAL A 221 -5.21 2.55 -5.95
CA VAL A 221 -4.73 1.30 -6.53
C VAL A 221 -5.60 0.89 -7.72
N ARG A 222 -6.90 1.18 -7.63
CA ARG A 222 -7.83 0.86 -8.71
C ARG A 222 -7.65 1.81 -9.89
N SER A 223 -7.55 3.11 -9.62
CA SER A 223 -7.45 4.13 -10.66
C SER A 223 -6.13 4.08 -11.44
N ASN A 224 -5.09 3.55 -10.81
CA ASN A 224 -3.78 3.47 -11.46
C ASN A 224 -3.42 2.07 -11.97
N ARG A 225 -4.35 1.14 -11.82
CA ARG A 225 -4.13 -0.24 -12.22
C ARG A 225 -3.75 -0.41 -13.70
N MET A 226 -4.55 0.15 -14.61
CA MET A 226 -4.29 -0.07 -16.04
C MET A 226 -2.99 0.57 -16.56
N TYR A 227 -2.49 1.58 -15.86
CA TYR A 227 -1.21 2.17 -16.21
C TYR A 227 -0.10 1.15 -15.95
N VAL A 228 -0.23 0.43 -14.84
CA VAL A 228 0.73 -0.60 -14.51
C VAL A 228 0.73 -1.66 -15.62
N ILE A 229 -0.47 -2.07 -16.01
CA ILE A 229 -0.60 -3.13 -16.99
C ILE A 229 0.00 -2.68 -18.34
N ASP A 230 -0.21 -1.42 -18.69
CA ASP A 230 0.38 -0.86 -19.91
C ASP A 230 1.89 -0.97 -19.95
N ARG A 231 2.57 -0.64 -18.84
CA ARG A 231 4.02 -0.82 -18.76
C ARG A 231 4.45 -2.22 -19.19
N PHE A 232 3.66 -3.23 -18.85
CA PHE A 232 3.99 -4.62 -19.21
C PHE A 232 3.55 -4.96 -20.63
N ILE A 233 2.41 -4.39 -21.06
CA ILE A 233 1.98 -4.61 -22.43
C ILE A 233 3.03 -3.97 -23.36
N ALA A 234 3.51 -2.79 -22.99
CA ALA A 234 4.47 -2.05 -23.81
C ALA A 234 5.88 -2.65 -23.85
N ASP A 235 6.31 -3.27 -22.75
CA ASP A 235 7.69 -3.79 -22.64
C ASP A 235 7.72 -5.20 -22.05
N PRO A 236 7.49 -6.22 -22.89
CA PRO A 236 7.47 -7.63 -22.47
C PRO A 236 8.72 -8.06 -21.69
N SER A 237 9.86 -7.39 -21.92
CA SER A 237 11.11 -7.76 -21.25
C SER A 237 11.19 -7.20 -19.83
N LEU A 238 10.18 -6.45 -19.42
CA LEU A 238 10.11 -5.91 -18.06
C LEU A 238 9.95 -7.08 -17.08
N GLY A 239 9.14 -8.04 -17.47
CA GLY A 239 8.88 -9.20 -16.62
C GLY A 239 7.46 -9.65 -16.84
N ASN A 240 6.78 -10.05 -15.76
CA ASN A 240 5.42 -10.53 -15.89
C ASN A 240 4.48 -9.85 -14.90
N TYR A 241 3.21 -9.80 -15.27
CA TYR A 241 2.20 -9.12 -14.50
C TYR A 241 1.04 -10.09 -14.36
N ARG A 242 0.48 -10.18 -13.16
CA ARG A 242 -0.77 -10.91 -12.99
C ARG A 242 -1.71 -10.16 -12.02
N LEU A 243 -2.97 -10.08 -12.41
CA LEU A 243 -3.97 -9.43 -11.61
C LEU A 243 -4.90 -10.49 -11.03
N PHE A 244 -5.09 -10.49 -9.71
CA PHE A 244 -6.04 -11.41 -9.07
C PHE A 244 -7.11 -10.63 -8.36
N GLY A 245 -8.36 -11.01 -8.61
CA GLY A 245 -9.48 -10.31 -8.02
C GLY A 245 -10.31 -11.25 -7.18
N THR A 246 -11.33 -10.70 -6.52
CA THR A 246 -12.05 -11.47 -5.55
C THR A 246 -13.44 -11.78 -6.09
N ALA A 247 -13.78 -13.06 -6.19
CA ALA A 247 -15.12 -13.47 -6.61
C ALA A 247 -16.10 -13.24 -5.46
N GLU A 248 -17.39 -13.45 -5.72
CA GLU A 248 -18.43 -13.19 -4.70
C GLU A 248 -18.25 -14.03 -3.44
N ASP A 249 -17.82 -15.28 -3.62
CA ASP A 249 -17.59 -16.21 -2.50
C ASP A 249 -16.27 -15.95 -1.81
N GLY A 250 -15.57 -14.90 -2.24
CA GLY A 250 -14.37 -14.48 -1.55
C GLY A 250 -13.09 -15.11 -2.06
N GLU A 251 -13.19 -15.99 -3.05
CA GLU A 251 -11.98 -16.61 -3.61
C GLU A 251 -11.29 -15.71 -4.63
N LYS A 252 -9.96 -15.72 -4.59
CA LYS A 252 -9.16 -15.01 -5.57
C LYS A 252 -9.19 -15.76 -6.91
N VAL A 253 -9.42 -15.04 -8.00
CA VAL A 253 -9.29 -15.63 -9.33
C VAL A 253 -8.42 -14.72 -10.17
N MET A 254 -7.75 -15.28 -11.18
CA MET A 254 -6.97 -14.41 -12.06
C MET A 254 -7.93 -13.66 -12.96
N VAL A 255 -7.62 -12.38 -13.17
CA VAL A 255 -8.48 -11.50 -13.94
C VAL A 255 -7.81 -11.06 -15.24
N ALA A 256 -6.54 -10.68 -15.16
CA ALA A 256 -5.79 -10.27 -16.35
C ALA A 256 -4.35 -10.64 -16.16
N SER A 257 -3.61 -10.80 -17.25
CA SER A 257 -2.19 -11.06 -17.13
C SER A 257 -1.40 -10.66 -18.36
N VAL A 258 -0.14 -10.32 -18.12
CA VAL A 258 0.83 -10.18 -19.17
C VAL A 258 1.99 -11.12 -18.83
N ILE A 259 2.03 -12.28 -19.50
CA ILE A 259 3.06 -13.26 -19.25
C ILE A 259 3.89 -13.50 -20.52
N GLY A 260 5.16 -13.08 -20.50
CA GLY A 260 6.00 -13.15 -21.68
C GLY A 260 5.40 -12.35 -22.82
N GLY A 261 5.00 -11.11 -22.54
CA GLY A 261 4.42 -10.25 -23.55
C GLY A 261 3.00 -10.62 -23.99
N GLU A 262 2.57 -11.82 -23.66
CA GLU A 262 1.21 -12.27 -23.95
C GLU A 262 0.21 -11.62 -22.98
N PHE A 263 -0.76 -10.90 -23.53
CA PHE A 263 -1.80 -10.24 -22.74
C PHE A 263 -3.15 -10.93 -22.93
N SER A 264 -3.75 -11.30 -21.81
CA SER A 264 -5.02 -11.99 -21.82
C SER A 264 -5.89 -11.45 -20.70
N VAL A 265 -7.20 -11.56 -20.89
CA VAL A 265 -8.15 -11.19 -19.85
C VAL A 265 -8.96 -12.42 -19.43
N GLU A 266 -8.57 -13.04 -18.32
CA GLU A 266 -9.22 -14.26 -17.86
C GLU A 266 -10.63 -14.01 -17.33
N ASN A 267 -10.92 -12.75 -16.96
CA ASN A 267 -12.24 -12.40 -16.43
C ASN A 267 -12.58 -10.95 -16.75
N ALA A 268 -13.18 -10.76 -17.92
CA ALA A 268 -13.56 -9.45 -18.46
C ALA A 268 -14.51 -8.65 -17.55
N GLU A 269 -15.50 -9.33 -17.00
CA GLU A 269 -16.43 -8.70 -16.06
C GLU A 269 -15.70 -8.13 -14.83
N LEU A 270 -14.89 -8.94 -14.16
CA LEU A 270 -14.13 -8.43 -13.02
C LEU A 270 -13.11 -7.36 -13.45
N TYR A 271 -12.56 -7.51 -14.65
CA TYR A 271 -11.53 -6.57 -15.11
C TYR A 271 -12.14 -5.17 -15.21
N GLU A 272 -13.34 -5.09 -15.78
CA GLU A 272 -14.09 -3.84 -15.84
C GLU A 272 -14.38 -3.29 -14.42
N LYS A 273 -14.77 -4.17 -13.49
CA LYS A 273 -15.10 -3.71 -12.13
C LYS A 273 -13.88 -3.18 -11.38
N ILE A 274 -12.77 -3.90 -11.48
CA ILE A 274 -11.65 -3.64 -10.56
C ILE A 274 -10.57 -2.72 -11.14
N THR A 275 -10.88 -2.07 -12.27
CA THR A 275 -10.04 -1.00 -12.78
C THR A 275 -10.61 0.39 -12.49
N SER A 276 -11.73 0.45 -11.76
CA SER A 276 -12.27 1.75 -11.35
C SER A 276 -12.73 1.68 -9.91
N PRO A 277 -12.78 2.84 -9.23
CA PRO A 277 -13.08 2.76 -7.79
C PRO A 277 -14.57 2.79 -7.45
N GLN A 278 -15.45 2.92 -8.45
CA GLN A 278 -16.89 2.85 -8.22
C GLN A 278 -17.36 3.71 -7.07
N LEU A 279 -17.07 5.01 -7.12
CA LEU A 279 -17.39 5.93 -6.02
C LEU A 279 -18.81 5.79 -5.39
N SER A 280 -19.77 5.25 -6.15
CA SER A 280 -21.10 4.98 -5.59
C SER A 280 -21.06 3.95 -4.45
N ASP A 284 -22.28 6.47 0.71
CA ASP A 284 -20.90 6.70 1.16
C ASP A 284 -20.53 5.78 2.33
N LEU A 285 -19.50 4.95 2.11
CA LEU A 285 -19.23 3.79 2.95
C LEU A 285 -18.74 4.12 4.38
N ALA A 286 -18.04 5.24 4.55
CA ALA A 286 -17.48 5.61 5.84
C ALA A 286 -18.55 5.70 6.95
N ASP A 287 -19.75 6.15 6.58
CA ASP A 287 -20.83 6.35 7.56
C ASP A 287 -21.76 5.14 7.72
N LYS A 288 -21.56 4.12 6.90
CA LYS A 288 -22.39 2.93 6.96
C LYS A 288 -22.20 2.25 8.32
N VAL A 289 -23.31 1.91 8.98
CA VAL A 289 -23.25 1.37 10.34
C VAL A 289 -23.12 -0.15 10.32
N ILE A 290 -22.22 -0.68 11.12
CA ILE A 290 -22.07 -2.12 11.30
C ILE A 290 -23.23 -2.62 12.15
N ASP A 291 -24.20 -3.25 11.52
CA ASP A 291 -25.32 -3.83 12.26
C ASP A 291 -25.46 -5.31 11.91
N LYS A 292 -26.49 -5.95 12.45
CA LYS A 292 -26.65 -7.39 12.29
C LYS A 292 -26.75 -7.74 10.80
N GLU A 293 -27.47 -6.91 10.06
CA GLU A 293 -27.64 -7.14 8.64
C GLU A 293 -26.30 -7.11 7.88
N LEU A 294 -25.51 -6.06 8.07
CA LEU A 294 -24.19 -6.01 7.44
C LEU A 294 -23.39 -7.27 7.77
N ILE A 295 -23.35 -7.62 9.05
CA ILE A 295 -22.60 -8.80 9.48
C ILE A 295 -23.10 -10.07 8.82
N ASP A 296 -24.42 -10.28 8.82
CA ASP A 296 -25.01 -11.45 8.18
C ASP A 296 -24.70 -11.49 6.68
N ARG A 297 -24.84 -10.35 6.02
CA ARG A 297 -24.58 -10.25 4.59
C ARG A 297 -23.15 -10.69 4.27
N LEU A 298 -22.19 -10.22 5.04
CA LEU A 298 -20.80 -10.54 4.80
C LEU A 298 -20.53 -12.02 5.09
N GLU A 299 -21.21 -12.53 6.10
CA GLU A 299 -21.12 -13.95 6.47
C GLU A 299 -21.71 -14.87 5.41
N ASN A 300 -22.77 -14.40 4.76
CA ASN A 300 -23.46 -15.15 3.72
C ASN A 300 -22.56 -15.56 2.53
N ASN A 301 -21.42 -14.89 2.38
CA ASN A 301 -20.49 -15.24 1.30
C ASN A 301 -19.16 -15.72 1.83
N ILE A 302 -19.15 -16.18 3.08
CA ILE A 302 -17.98 -16.83 3.64
C ILE A 302 -18.33 -18.26 4.06
N ALA A 303 -17.77 -19.23 3.35
CA ALA A 303 -18.02 -20.63 3.64
C ALA A 303 -17.00 -21.26 4.58
N ASP A 304 -15.84 -20.64 4.75
CA ASP A 304 -14.81 -21.22 5.61
C ASP A 304 -15.12 -20.88 7.05
N PRO A 305 -15.18 -21.89 7.91
CA PRO A 305 -15.60 -21.72 9.30
C PRO A 305 -14.73 -20.84 10.16
N GLU A 306 -13.43 -21.03 10.09
CA GLU A 306 -12.51 -20.23 10.89
C GLU A 306 -12.57 -18.77 10.51
N ARG A 307 -12.60 -18.52 9.20
CA ARG A 307 -12.69 -17.19 8.66
C ARG A 307 -14.01 -16.55 8.96
N ALA A 308 -15.08 -17.31 8.80
CA ALA A 308 -16.42 -16.82 9.09
C ALA A 308 -16.49 -16.33 10.54
N ALA A 309 -15.88 -17.12 11.43
CA ALA A 309 -15.94 -16.87 12.87
C ALA A 309 -15.16 -15.64 13.26
N LYS A 310 -13.92 -15.57 12.77
CA LYS A 310 -13.04 -14.44 13.02
C LYS A 310 -13.66 -13.17 12.48
N THR A 311 -14.27 -13.28 11.31
CA THR A 311 -14.91 -12.15 10.68
C THR A 311 -16.04 -11.57 11.53
N ARG A 312 -16.95 -12.42 12.03
CA ARG A 312 -18.08 -11.89 12.78
C ARG A 312 -17.63 -11.44 14.16
N ALA A 313 -16.61 -12.11 14.70
CA ALA A 313 -16.08 -11.72 15.99
C ALA A 313 -15.52 -10.30 15.94
N ALA A 314 -14.76 -10.01 14.88
CA ALA A 314 -14.19 -8.68 14.68
C ALA A 314 -15.28 -7.62 14.53
N LEU A 315 -16.25 -7.88 13.65
CA LEU A 315 -17.39 -6.99 13.44
C LEU A 315 -18.28 -6.78 14.66
N GLU A 316 -18.52 -7.84 15.44
CA GLU A 316 -19.37 -7.72 16.63
C GLU A 316 -18.81 -6.74 17.66
N LYS A 317 -17.50 -6.73 17.82
CA LYS A 317 -16.83 -5.78 18.72
C LYS A 317 -17.19 -4.32 18.42
N TYR A 318 -17.50 -4.00 17.16
CA TYR A 318 -17.85 -2.64 16.80
C TYR A 318 -19.26 -2.49 16.25
N SER A 319 -20.13 -3.46 16.54
CA SER A 319 -21.54 -3.33 16.17
C SER A 319 -22.10 -1.97 16.60
N GLY A 320 -22.97 -1.40 15.78
CA GLY A 320 -23.50 -0.08 16.07
C GLY A 320 -22.57 1.06 15.71
N LYS A 321 -21.34 0.75 15.32
CA LYS A 321 -20.42 1.79 14.88
C LYS A 321 -20.38 1.89 13.36
N SER A 322 -20.11 3.08 12.85
CA SER A 322 -19.85 3.25 11.43
C SER A 322 -18.48 2.66 11.10
N TRP A 323 -18.27 2.25 9.84
CA TRP A 323 -16.98 1.78 9.40
C TRP A 323 -15.88 2.73 9.83
N SER A 324 -16.11 4.02 9.61
CA SER A 324 -15.12 5.04 9.92
C SER A 324 -14.80 5.04 11.42
N ALA A 325 -15.84 4.95 12.25
CA ALA A 325 -15.67 4.95 13.70
C ALA A 325 -15.04 3.65 14.18
N ALA A 326 -15.41 2.54 13.56
CA ALA A 326 -14.85 1.25 13.96
C ALA A 326 -13.35 1.19 13.68
N LEU A 327 -12.96 1.50 12.44
CA LEU A 327 -11.54 1.50 12.10
C LEU A 327 -10.74 2.50 12.94
N ALA A 328 -11.34 3.66 13.21
CA ALA A 328 -10.70 4.68 14.05
C ALA A 328 -10.42 4.15 15.45
N ALA A 329 -11.43 3.51 16.04
CA ALA A 329 -11.29 2.96 17.38
C ALA A 329 -10.29 1.82 17.39
N HIS A 330 -10.36 0.96 16.37
CA HIS A 330 -9.50 -0.21 16.30
C HIS A 330 -8.05 0.22 16.03
N SER A 331 -7.91 1.33 15.31
CA SER A 331 -6.60 1.90 15.01
C SER A 331 -5.86 2.44 16.24
N GLU A 332 -6.60 3.04 17.18
CA GLU A 332 -5.98 3.68 18.35
C GLU A 332 -5.50 2.69 19.42
N LEU A 333 -5.92 1.43 19.31
CA LEU A 333 -5.43 0.38 20.18
C LEU A 333 -3.92 0.22 20.04
N ILE A 334 -3.24 -0.02 21.18
CA ILE A 334 -1.82 -0.36 21.17
C ILE A 334 -1.64 -1.74 21.79
N MET B 1 -15.58 -17.55 -16.93
CA MET B 1 -16.00 -17.19 -18.28
C MET B 1 -14.83 -17.35 -19.25
N LYS B 2 -15.12 -17.19 -20.54
CA LYS B 2 -14.10 -17.36 -21.56
C LYS B 2 -13.02 -16.30 -21.44
N THR B 3 -11.78 -16.75 -21.51
CA THR B 3 -10.63 -15.85 -21.55
C THR B 3 -10.58 -15.12 -22.89
N LEU B 4 -10.39 -13.81 -22.83
CA LEU B 4 -10.18 -12.99 -24.04
C LEU B 4 -8.69 -13.03 -24.36
N THR B 5 -8.36 -13.25 -25.63
CA THR B 5 -6.97 -13.40 -26.04
C THR B 5 -6.66 -12.49 -27.23
N GLY B 6 -5.39 -12.39 -27.61
CA GLY B 6 -4.98 -11.69 -28.81
C GLY B 6 -5.60 -10.32 -28.99
N ALA B 7 -6.22 -10.12 -30.14
CA ALA B 7 -6.75 -8.81 -30.52
C ALA B 7 -7.96 -8.40 -29.69
N ASP B 8 -8.78 -9.38 -29.29
CA ASP B 8 -9.94 -9.09 -28.47
C ASP B 8 -9.54 -8.58 -27.08
N ALA B 9 -8.57 -9.24 -26.46
CA ALA B 9 -8.06 -8.79 -25.16
C ALA B 9 -7.55 -7.36 -25.28
N LEU B 10 -6.76 -7.09 -26.31
CA LEU B 10 -6.19 -5.76 -26.51
C LEU B 10 -7.27 -4.71 -26.70
N GLU B 11 -8.29 -5.07 -27.47
CA GLU B 11 -9.36 -4.13 -27.80
C GLU B 11 -10.26 -3.89 -26.58
N PHE B 12 -10.49 -4.93 -25.79
CA PHE B 12 -11.26 -4.77 -24.57
C PHE B 12 -10.48 -3.86 -23.64
N HIS B 13 -9.17 -4.07 -23.60
CA HIS B 13 -8.31 -3.26 -22.76
C HIS B 13 -8.33 -1.77 -23.18
N LYS B 14 -8.21 -1.53 -24.49
CA LYS B 14 -8.26 -0.17 -25.02
C LYS B 14 -9.60 0.54 -24.73
N LYS B 15 -10.71 -0.14 -24.99
CA LYS B 15 -12.04 0.43 -24.76
C LYS B 15 -12.33 0.64 -23.27
N LEU B 16 -11.86 -0.26 -22.42
CA LEU B 16 -12.02 -0.07 -20.97
C LEU B 16 -11.23 1.15 -20.46
N LYS B 17 -10.03 1.35 -21.00
CA LYS B 17 -9.23 2.52 -20.69
C LYS B 17 -9.97 3.83 -21.01
N GLU B 18 -10.63 3.89 -22.16
CA GLU B 18 -11.37 5.09 -22.52
C GLU B 18 -12.52 5.27 -21.55
N ARG B 19 -13.15 4.17 -21.18
CA ARG B 19 -14.29 4.24 -20.31
C ARG B 19 -13.83 4.82 -18.98
N ASN B 20 -12.75 4.26 -18.43
CA ASN B 20 -12.26 4.72 -17.13
C ASN B 20 -11.70 6.14 -17.16
N LYS B 21 -11.16 6.56 -18.30
CA LYS B 21 -10.68 7.94 -18.44
C LYS B 21 -11.84 8.96 -18.45
N ALA B 22 -12.94 8.63 -19.12
CA ALA B 22 -14.13 9.50 -19.09
C ALA B 22 -14.71 9.54 -17.68
N LEU B 23 -14.81 8.38 -17.03
CA LEU B 23 -15.23 8.31 -15.64
C LEU B 23 -14.30 9.12 -14.75
N HIS B 24 -13.00 8.94 -14.94
CA HIS B 24 -12.01 9.69 -14.17
C HIS B 24 -12.26 11.18 -14.30
N ALA B 25 -12.32 11.66 -15.54
CA ALA B 25 -12.53 13.08 -15.79
C ALA B 25 -13.86 13.54 -15.17
N SER B 26 -14.91 12.79 -15.47
CA SER B 26 -16.26 13.13 -15.05
C SER B 26 -16.43 13.20 -13.51
N ASP B 27 -15.77 12.30 -12.79
CA ASP B 27 -15.85 12.35 -11.32
C ASP B 27 -15.38 13.69 -10.77
N LEU B 28 -14.27 14.20 -11.28
CA LEU B 28 -13.75 15.49 -10.83
C LEU B 28 -14.65 16.63 -11.27
N GLU B 29 -15.08 16.59 -12.53
CA GLU B 29 -15.96 17.62 -13.10
C GLU B 29 -17.22 17.75 -12.25
N LEU B 30 -17.89 16.64 -12.00
CA LEU B 30 -19.08 16.64 -11.18
C LEU B 30 -18.81 17.11 -9.75
N ALA B 31 -17.72 16.65 -9.15
CA ALA B 31 -17.34 17.11 -7.80
C ALA B 31 -17.07 18.62 -7.73
N LEU B 32 -16.56 19.20 -8.82
CA LEU B 32 -16.25 20.64 -8.80
C LEU B 32 -17.51 21.50 -8.84
N VAL B 33 -18.49 21.06 -9.63
CA VAL B 33 -19.77 21.76 -9.67
C VAL B 33 -20.43 21.73 -8.30
N HIS B 34 -20.44 20.56 -7.67
CA HIS B 34 -21.06 20.42 -6.37
C HIS B 34 -20.29 21.23 -5.31
N ALA B 35 -18.97 21.33 -5.48
CA ALA B 35 -18.14 22.09 -4.55
C ALA B 35 -18.42 23.60 -4.62
N ASP B 36 -18.59 24.12 -5.83
CA ASP B 36 -19.02 25.52 -6.02
C ASP B 36 -20.38 25.76 -5.34
N ALA B 37 -21.33 24.85 -5.51
CA ALA B 37 -22.67 25.02 -4.96
C ALA B 37 -22.72 25.06 -3.44
N VAL B 38 -21.86 24.29 -2.77
CA VAL B 38 -21.87 24.28 -1.30
C VAL B 38 -20.89 25.30 -0.72
N GLY B 39 -20.18 26.01 -1.60
CA GLY B 39 -19.19 26.96 -1.14
C GLY B 39 -17.99 26.32 -0.45
N LYS B 40 -17.56 25.17 -0.96
CA LYS B 40 -16.35 24.51 -0.49
C LYS B 40 -15.14 25.36 -0.89
N GLU B 41 -14.15 25.46 0.00
CA GLU B 41 -12.98 26.31 -0.27
C GLU B 41 -12.20 25.84 -1.49
N ARG B 42 -11.83 26.78 -2.37
CA ARG B 42 -11.07 26.44 -3.57
C ARG B 42 -9.77 25.71 -3.17
N PHE B 43 -9.41 24.69 -3.94
CA PHE B 43 -8.18 23.97 -3.63
C PHE B 43 -6.94 24.80 -3.98
N ASP B 44 -6.03 24.91 -3.02
CA ASP B 44 -4.79 25.65 -3.19
C ASP B 44 -3.64 24.83 -2.61
N LEU B 45 -2.81 24.27 -3.47
CA LEU B 45 -1.71 23.42 -3.05
C LEU B 45 -0.73 24.13 -2.10
N GLU B 46 -0.31 25.33 -2.50
CA GLU B 46 0.63 26.13 -1.70
C GLU B 46 0.13 26.35 -0.28
N GLU B 47 -1.14 26.73 -0.14
CA GLU B 47 -1.70 26.93 1.18
C GLU B 47 -1.76 25.62 1.96
N LEU B 48 -2.08 24.53 1.27
CA LEU B 48 -2.11 23.22 1.90
C LEU B 48 -0.69 22.83 2.34
N GLU B 49 0.28 23.04 1.45
CA GLU B 49 1.68 22.72 1.75
C GLU B 49 2.23 23.51 2.94
N LYS B 50 1.62 24.66 3.23
CA LYS B 50 2.03 25.44 4.39
C LYS B 50 1.55 24.80 5.70
N ILE B 51 0.55 23.93 5.61
CA ILE B 51 -0.01 23.34 6.82
C ILE B 51 0.25 21.83 6.93
N CYS B 52 0.78 21.23 5.87
CA CYS B 52 1.25 19.85 5.95
C CYS B 52 2.21 19.52 4.81
N ASP B 53 2.69 18.29 4.78
CA ASP B 53 3.66 17.86 3.77
C ASP B 53 2.99 17.01 2.69
N THR B 54 3.20 17.40 1.44
CA THR B 54 2.62 16.71 0.28
C THR B 54 3.69 16.06 -0.59
N SER B 55 4.94 16.30 -0.26
CA SER B 55 6.02 15.45 -0.75
C SER B 55 5.96 14.19 0.11
N ASP B 56 6.31 13.05 -0.47
CA ASP B 56 6.36 11.82 0.30
C ASP B 56 7.75 11.70 0.90
N ALA B 57 8.09 12.65 1.78
CA ALA B 57 9.46 12.89 2.21
C ALA B 57 10.38 13.01 0.99
N GLY B 58 9.96 13.81 0.02
CA GLY B 58 10.75 14.05 -1.17
C GLY B 58 10.63 12.98 -2.24
N ARG B 59 9.97 11.86 -1.90
CA ARG B 59 9.78 10.80 -2.90
C ARG B 59 8.91 11.34 -4.03
N LEU B 60 7.97 12.21 -3.65
CA LEU B 60 7.11 12.86 -4.63
C LEU B 60 7.60 14.28 -4.94
N THR B 61 7.99 14.48 -6.19
CA THR B 61 8.70 15.70 -6.60
C THR B 61 7.93 16.54 -7.61
N ASP B 62 7.52 15.90 -8.71
CA ASP B 62 6.80 16.58 -9.79
C ASP B 62 5.54 17.30 -9.29
N ALA B 63 5.58 18.62 -9.25
CA ALA B 63 4.49 19.41 -8.69
C ALA B 63 3.17 19.24 -9.45
N LYS B 64 3.26 18.85 -10.72
CA LYS B 64 2.07 18.59 -11.52
C LYS B 64 1.42 17.27 -11.06
N GLU B 65 2.22 16.43 -10.42
CA GLU B 65 1.70 15.20 -9.82
C GLU B 65 1.10 15.49 -8.44
N ARG B 66 1.79 16.29 -7.64
CA ARG B 66 1.31 16.59 -6.29
C ARG B 66 -0.02 17.32 -6.33
N ASN B 67 -0.20 18.20 -7.31
CA ASN B 67 -1.46 18.90 -7.45
C ASN B 67 -2.55 17.93 -7.84
N ASP B 68 -2.32 17.21 -8.93
CA ASP B 68 -3.27 16.22 -9.44
C ASP B 68 -3.74 15.25 -8.36
N ILE B 69 -2.79 14.66 -7.64
CA ILE B 69 -3.14 13.74 -6.55
C ILE B 69 -4.06 14.39 -5.53
N TYR B 70 -3.65 15.52 -4.98
CA TYR B 70 -4.35 16.10 -3.84
C TYR B 70 -5.59 16.94 -4.16
N GLU B 71 -5.58 17.65 -5.28
CA GLU B 71 -6.76 18.38 -5.70
C GLU B 71 -7.90 17.38 -5.92
N ARG B 72 -7.61 16.37 -6.74
CA ARG B 72 -8.59 15.34 -7.06
C ARG B 72 -9.07 14.57 -5.83
N MET B 73 -8.16 14.29 -4.90
CA MET B 73 -8.55 13.65 -3.64
C MET B 73 -9.48 14.55 -2.82
N TYR B 74 -9.13 15.83 -2.76
CA TYR B 74 -9.89 16.85 -2.02
C TYR B 74 -11.35 16.95 -2.49
N TYR B 75 -11.52 17.01 -3.81
CA TYR B 75 -12.85 17.15 -4.39
C TYR B 75 -13.59 15.84 -4.57
N VAL B 76 -12.90 14.81 -5.08
CA VAL B 76 -13.60 13.57 -5.41
C VAL B 76 -13.82 12.63 -4.21
N GLU B 77 -12.80 12.46 -3.37
CA GLU B 77 -12.92 11.50 -2.26
C GLU B 77 -13.51 12.11 -0.99
N TYR B 78 -13.40 13.39 -0.81
CA TYR B 78 -13.78 13.99 0.43
C TYR B 78 -14.70 15.16 0.24
N PRO B 79 -15.82 14.94 -0.41
CA PRO B 79 -16.71 16.02 -0.82
C PRO B 79 -17.37 16.73 0.35
N ASN B 80 -17.45 16.12 1.51
CA ASN B 80 -17.98 16.79 2.67
C ASN B 80 -16.94 17.56 3.48
N VAL B 81 -15.69 17.50 3.09
CA VAL B 81 -14.69 18.32 3.71
C VAL B 81 -14.76 19.68 3.07
N MET B 82 -14.82 20.74 3.84
CA MET B 82 -15.05 22.02 3.23
C MET B 82 -13.91 22.99 3.24
N THR B 83 -12.89 22.70 4.01
CA THR B 83 -11.76 23.58 4.15
C THR B 83 -10.46 22.88 3.92
N LEU B 84 -9.48 23.61 3.45
CA LEU B 84 -8.16 23.09 3.28
C LEU B 84 -7.61 22.76 4.64
N LYS B 85 -8.19 23.36 5.63
CA LYS B 85 -7.72 23.13 6.96
C LYS B 85 -8.13 21.79 7.38
N GLU B 86 -9.35 21.41 7.12
CA GLU B 86 -9.75 20.08 7.50
C GLU B 86 -9.08 19.00 6.71
N PHE B 87 -8.85 19.25 5.43
CA PHE B 87 -8.22 18.30 4.54
C PHE B 87 -6.79 17.97 4.94
N ALA B 88 -6.17 18.88 5.64
CA ALA B 88 -4.83 18.70 6.14
C ALA B 88 -4.76 17.62 7.20
N HIS B 89 -5.78 17.52 8.02
CA HIS B 89 -5.85 16.51 9.02
C HIS B 89 -5.82 15.19 8.35
N ILE B 90 -6.55 15.09 7.27
CA ILE B 90 -6.65 13.89 6.50
C ILE B 90 -5.34 13.53 5.85
N VAL B 91 -4.70 14.50 5.25
CA VAL B 91 -3.48 14.21 4.56
C VAL B 91 -2.41 13.76 5.54
N GLU B 92 -2.37 14.38 6.70
CA GLU B 92 -1.46 14.00 7.78
C GLU B 92 -1.71 12.57 8.23
N THR B 93 -2.98 12.19 8.27
CA THR B 93 -3.38 10.84 8.62
C THR B 93 -2.82 9.86 7.58
N LEU B 94 -2.95 10.22 6.30
CA LEU B 94 -2.50 9.33 5.24
C LEU B 94 -0.99 9.14 5.26
N PHE B 95 -0.30 10.19 5.69
CA PHE B 95 1.17 10.18 5.69
C PHE B 95 1.72 9.42 6.89
N SER B 96 0.92 9.31 7.95
CA SER B 96 1.27 8.54 9.14
C SER B 96 1.15 7.02 8.94
N TRP B 97 0.60 6.60 7.82
CA TRP B 97 0.44 5.17 7.57
C TRP B 97 1.05 4.75 6.24
N SER B 98 1.17 3.45 6.06
CA SER B 98 1.60 2.88 4.78
C SER B 98 0.34 2.68 3.95
P PO4 C . -2.79 -9.59 3.53
O1 PO4 C . -2.11 -10.91 3.23
O2 PO4 C . -1.86 -8.72 4.32
O3 PO4 C . -4.03 -9.85 4.35
O4 PO4 C . -3.18 -8.89 2.25
P PO4 D . 2.87 2.38 -0.39
O1 PO4 D . 3.36 1.70 -1.63
O2 PO4 D . 2.31 1.35 0.56
O3 PO4 D . 4.02 3.10 0.28
O4 PO4 D . 1.79 3.38 -0.74
P PO4 E . -0.78 8.84 -9.55
O1 PO4 E . -0.65 7.35 -9.76
O2 PO4 E . 0.57 9.34 -9.04
O3 PO4 E . -1.89 9.13 -8.55
O4 PO4 E . -1.12 9.50 -10.87
P PO4 F . 14.57 -12.03 -22.09
O1 PO4 F . 13.21 -12.67 -22.04
O2 PO4 F . 15.34 -12.30 -20.82
O3 PO4 F . 14.40 -10.53 -22.26
O4 PO4 F . 15.34 -12.57 -23.28
P PO4 G . -16.03 5.56 -10.73
O1 PO4 G . -15.68 4.27 -11.35
O2 PO4 G . -15.39 6.59 -11.56
O3 PO4 G . -15.50 5.71 -9.38
O4 PO4 G . -17.48 5.66 -10.61
P PO4 H . -1.19 -5.82 2.88
O1 PO4 H . -2.03 -6.66 1.92
O2 PO4 H . -1.98 -5.52 4.13
O3 PO4 H . -0.77 -4.55 2.18
O4 PO4 H . 0.05 -6.60 3.29
#